data_8VJ2
#
_entry.id   8VJ2
#
_cell.length_a   52.441
_cell.length_b   91.127
_cell.length_c   132.487
_cell.angle_alpha   90.00
_cell.angle_beta   90.00
_cell.angle_gamma   90.00
#
_symmetry.space_group_name_H-M   'C 2 2 21'
#
loop_
_entity.id
_entity.type
_entity.pdbx_description
1 polymer 'Macrophage migration inhibitory factor-1'
2 non-polymer 'SODIUM ION'
3 water water
#
_entity_poly.entity_id   1
_entity_poly.type   'polypeptide(L)'
_entity_poly.pdbx_seq_one_letter_code
;MAHHHHHHMGTLEAQTQGPGSMPAFTINTNIPQSNVSDAFLKKASSTVAKALGKPESYVAIHVNGGQAMVFGGSTDPCAV
CVLKSIGCVGPNVNNSHSEKLFKLLADELKIPKNRCYIEFVNIDASTMAFNGSTFG
;
_entity_poly.pdbx_strand_id   A,B,C
#
# COMPACT_ATOMS: atom_id res chain seq x y z
N GLY A 18 14.73 17.98 -2.65
CA GLY A 18 14.62 17.04 -3.81
C GLY A 18 14.76 15.58 -3.42
N PRO A 19 15.95 15.02 -3.63
CA PRO A 19 16.15 13.59 -3.33
C PRO A 19 16.27 13.32 -1.84
N GLY A 20 15.74 12.18 -1.42
CA GLY A 20 15.80 11.79 -0.02
C GLY A 20 14.72 10.81 0.41
N SER A 21 15.09 9.82 1.21
CA SER A 21 14.18 8.77 1.63
C SER A 21 13.53 9.09 2.98
N MET A 22 12.31 8.62 3.15
CA MET A 22 11.58 8.79 4.41
C MET A 22 11.04 7.44 4.88
N PRO A 23 11.54 6.90 5.99
CA PRO A 23 10.94 5.68 6.54
C PRO A 23 9.47 5.92 6.87
N ALA A 24 8.64 4.91 6.61
CA ALA A 24 7.19 5.08 6.75
C ALA A 24 6.56 3.89 7.45
N PHE A 25 5.74 4.18 8.47
CA PHE A 25 4.99 3.16 9.20
C PHE A 25 3.52 3.31 8.80
N THR A 26 2.99 2.29 8.13
CA THR A 26 1.59 2.26 7.71
C THR A 26 0.86 1.22 8.54
N ILE A 27 -0.29 1.62 9.08
CA ILE A 27 -1.15 0.77 9.90
C ILE A 27 -2.46 0.63 9.13
N ASN A 28 -2.81 -0.58 8.74
CA ASN A 28 -4.11 -0.85 8.13
C ASN A 28 -4.97 -1.52 9.19
N THR A 29 -6.11 -0.91 9.52
CA THR A 29 -6.91 -1.44 10.61
C THR A 29 -8.38 -1.25 10.31
N ASN A 30 -9.19 -2.13 10.89
CA ASN A 30 -10.64 -2.04 10.76
C ASN A 30 -11.29 -1.27 11.91
N ILE A 31 -10.52 -0.73 12.84
CA ILE A 31 -11.09 0.17 13.84
C ILE A 31 -11.52 1.46 13.14
N PRO A 32 -12.62 2.09 13.57
CA PRO A 32 -13.04 3.33 12.91
C PRO A 32 -11.95 4.39 12.94
N GLN A 33 -11.88 5.18 11.86
CA GLN A 33 -10.89 6.24 11.81
C GLN A 33 -11.19 7.34 12.81
N SER A 34 -12.44 7.43 13.29
CA SER A 34 -12.79 8.39 14.33
C SER A 34 -12.10 8.06 15.66
N ASN A 35 -11.60 6.83 15.81
CA ASN A 35 -10.86 6.43 17.00
C ASN A 35 -9.36 6.63 16.85
N VAL A 36 -8.93 7.34 15.81
CA VAL A 36 -7.52 7.65 15.58
C VAL A 36 -7.31 9.10 16.02
N SER A 37 -6.78 9.27 17.22
CA SER A 37 -6.67 10.59 17.83
C SER A 37 -5.43 11.33 17.35
N ASP A 38 -5.44 12.65 17.54
CA ASP A 38 -4.23 13.44 17.32
C ASP A 38 -3.12 13.01 18.27
N ALA A 39 -3.48 12.67 19.51
CA ALA A 39 -2.48 12.18 20.45
C ALA A 39 -1.86 10.88 19.98
N PHE A 40 -2.68 9.94 19.48
CA PHE A 40 -2.10 8.69 19.02
C PHE A 40 -1.13 8.92 17.86
N LEU A 41 -1.50 9.79 16.92
CA LEU A 41 -0.60 10.07 15.80
C LEU A 41 0.72 10.64 16.29
N LYS A 42 0.66 11.57 17.25
CA LYS A 42 1.90 12.13 17.79
C LYS A 42 2.75 11.04 18.43
N LYS A 43 2.10 10.16 19.21
CA LYS A 43 2.84 9.09 19.88
C LYS A 43 3.42 8.09 18.89
N ALA A 44 2.69 7.78 17.82
CA ALA A 44 3.20 6.82 16.84
C ALA A 44 4.41 7.39 16.13
N SER A 45 4.35 8.67 15.75
CA SER A 45 5.50 9.30 15.12
C SER A 45 6.72 9.26 16.04
N SER A 46 6.53 9.63 17.31
CA SER A 46 7.66 9.61 18.24
C SER A 46 8.19 8.19 18.44
N THR A 47 7.29 7.22 18.61
CA THR A 47 7.71 5.84 18.83
C THR A 47 8.52 5.30 17.66
N VAL A 48 8.05 5.53 16.44
CA VAL A 48 8.76 5.05 15.26
C VAL A 48 10.10 5.75 15.13
N ALA A 49 10.13 7.07 15.32
CA ALA A 49 11.39 7.80 15.21
C ALA A 49 12.42 7.28 16.21
N LYS A 50 11.99 7.01 17.46
CA LYS A 50 12.93 6.53 18.45
C LYS A 50 13.36 5.09 18.17
N ALA A 51 12.43 4.25 17.73
CA ALA A 51 12.78 2.87 17.41
C ALA A 51 13.83 2.84 16.30
N LEU A 52 13.65 3.65 15.27
CA LEU A 52 14.61 3.70 14.17
C LEU A 52 15.83 4.55 14.49
N GLY A 53 15.86 5.19 15.65
CA GLY A 53 16.96 6.09 15.96
C GLY A 53 17.12 7.22 14.97
N LYS A 54 16.00 7.79 14.54
CA LYS A 54 16.03 8.88 13.57
C LYS A 54 15.18 10.03 14.06
N PRO A 55 15.48 11.26 13.62
CA PRO A 55 14.66 12.40 14.01
C PRO A 55 13.27 12.25 13.43
N GLU A 56 12.27 12.78 14.15
CA GLU A 56 10.90 12.69 13.71
C GLU A 56 10.67 13.38 12.37
N SER A 57 11.52 14.33 12.00
CA SER A 57 11.38 15.04 10.73
C SER A 57 11.60 14.14 9.52
N TYR A 58 12.18 12.95 9.70
CA TYR A 58 12.43 12.06 8.57
C TYR A 58 11.42 10.93 8.47
N VAL A 59 10.44 10.88 9.38
CA VAL A 59 9.51 9.76 9.52
C VAL A 59 8.14 10.13 8.97
N ALA A 60 7.48 9.17 8.35
CA ALA A 60 6.11 9.30 7.89
C ALA A 60 5.24 8.24 8.56
N ILE A 61 4.06 8.65 9.00
CA ILE A 61 3.08 7.78 9.63
C ILE A 61 1.79 7.84 8.83
N HIS A 62 1.19 6.69 8.56
CA HIS A 62 -0.09 6.65 7.85
C HIS A 62 -0.98 5.62 8.54
N VAL A 63 -2.03 6.07 9.20
CA VAL A 63 -3.00 5.17 9.80
C VAL A 63 -4.20 5.14 8.86
N ASN A 64 -4.42 3.99 8.22
CA ASN A 64 -5.51 3.73 7.29
C ASN A 64 -6.52 2.89 8.05
N GLY A 65 -7.45 3.58 8.70
CA GLY A 65 -8.48 2.95 9.51
C GLY A 65 -9.79 2.84 8.75
N GLY A 66 -10.77 2.25 9.43
CA GLY A 66 -12.06 2.00 8.82
C GLY A 66 -12.03 1.03 7.66
N GLN A 67 -11.02 0.16 7.61
CA GLN A 67 -10.91 -0.78 6.52
C GLN A 67 -11.77 -2.01 6.77
N ALA A 68 -12.20 -2.64 5.69
CA ALA A 68 -12.91 -3.92 5.76
C ALA A 68 -11.86 -5.02 5.73
N MET A 69 -11.66 -5.69 6.86
CA MET A 69 -10.54 -6.61 6.99
C MET A 69 -10.96 -7.95 7.60
N VAL A 70 -10.24 -8.99 7.17
CA VAL A 70 -10.26 -10.30 7.79
C VAL A 70 -8.83 -10.64 8.19
N PHE A 71 -8.67 -11.14 9.41
CA PHE A 71 -7.36 -11.47 9.99
C PHE A 71 -7.50 -12.89 10.56
N GLY A 72 -6.87 -13.85 9.91
CA GLY A 72 -7.00 -15.23 10.36
C GLY A 72 -8.42 -15.75 10.36
N GLY A 73 -9.24 -15.31 9.41
CA GLY A 73 -10.59 -15.78 9.29
C GLY A 73 -11.63 -15.01 10.07
N SER A 74 -11.24 -14.01 10.85
CA SER A 74 -12.15 -13.26 11.69
C SER A 74 -12.11 -11.79 11.30
N THR A 75 -13.26 -11.13 11.43
CA THR A 75 -13.36 -9.69 11.19
C THR A 75 -13.20 -8.85 12.46
N ASP A 76 -12.82 -9.49 13.58
CA ASP A 76 -12.59 -8.75 14.82
C ASP A 76 -11.46 -7.73 14.63
N PRO A 77 -11.39 -6.73 15.51
CA PRO A 77 -10.37 -5.68 15.37
C PRO A 77 -8.97 -6.26 15.16
N CYS A 78 -8.24 -5.67 14.22
CA CYS A 78 -6.93 -6.17 13.84
C CYS A 78 -6.13 -5.04 13.23
N ALA A 79 -4.83 -5.28 13.05
CA ALA A 79 -3.95 -4.34 12.38
C ALA A 79 -2.90 -5.11 11.57
N VAL A 80 -2.74 -4.69 10.32
CA VAL A 80 -1.71 -5.20 9.43
C VAL A 80 -0.84 -4.01 9.03
N CYS A 81 0.44 -4.08 9.36
CA CYS A 81 1.29 -2.91 9.29
C CYS A 81 2.57 -3.20 8.54
N VAL A 82 3.14 -2.13 8.01
CA VAL A 82 4.41 -2.17 7.31
C VAL A 82 5.28 -1.01 7.79
N LEU A 83 6.50 -1.32 8.20
CA LEU A 83 7.54 -0.32 8.43
C LEU A 83 8.49 -0.44 7.25
N LYS A 84 8.44 0.53 6.33
CA LYS A 84 9.22 0.52 5.11
C LYS A 84 10.37 1.51 5.23
N SER A 85 11.57 1.07 4.84
CA SER A 85 12.73 1.94 4.79
C SER A 85 13.51 1.61 3.53
N ILE A 86 14.23 2.59 3.00
CA ILE A 86 15.08 2.40 1.83
C ILE A 86 16.52 2.44 2.32
N GLY A 87 17.21 1.31 2.22
CA GLY A 87 18.57 1.21 2.71
C GLY A 87 18.62 0.89 4.18
N ASN A 94 15.75 -5.82 14.57
CA ASN A 94 14.51 -5.06 14.69
C ASN A 94 13.52 -5.80 15.58
N ASN A 95 13.94 -6.12 16.80
CA ASN A 95 13.15 -6.89 17.74
C ASN A 95 12.57 -6.05 18.87
N SER A 96 13.44 -5.32 19.59
CA SER A 96 12.94 -4.31 20.52
C SER A 96 12.02 -3.33 19.80
N HIS A 97 12.37 -2.98 18.57
CA HIS A 97 11.52 -2.09 17.77
C HIS A 97 10.15 -2.73 17.54
N SER A 98 10.13 -4.03 17.22
CA SER A 98 8.86 -4.69 16.95
C SER A 98 7.99 -4.69 18.20
N GLU A 99 8.56 -5.02 19.35
CA GLU A 99 7.74 -4.99 20.57
C GLU A 99 7.30 -3.57 20.94
N LYS A 100 8.14 -2.56 20.70
CA LYS A 100 7.69 -1.20 20.95
C LYS A 100 6.50 -0.84 20.06
N LEU A 101 6.53 -1.25 18.80
CA LEU A 101 5.41 -0.97 17.91
C LEU A 101 4.17 -1.76 18.29
N PHE A 102 4.34 -3.04 18.67
CA PHE A 102 3.20 -3.84 19.11
C PHE A 102 2.57 -3.25 20.37
N LYS A 103 3.42 -2.75 21.27
CA LYS A 103 2.91 -2.06 22.46
C LYS A 103 2.13 -0.83 22.07
N LEU A 104 2.66 -0.02 21.17
CA LEU A 104 1.92 1.13 20.65
C LEU A 104 0.53 0.71 20.20
N LEU A 105 0.45 -0.30 19.32
CA LEU A 105 -0.84 -0.74 18.79
C LEU A 105 -1.78 -1.21 19.90
N ALA A 106 -1.31 -2.14 20.75
CA ALA A 106 -2.21 -2.73 21.73
C ALA A 106 -2.66 -1.71 22.77
N ASP A 107 -1.73 -0.88 23.24
CA ASP A 107 -2.04 0.03 24.34
C ASP A 107 -2.85 1.24 23.86
N GLU A 108 -2.49 1.82 22.71
CA GLU A 108 -3.17 3.04 22.26
C GLU A 108 -4.41 2.75 21.42
N LEU A 109 -4.33 1.83 20.46
CA LEU A 109 -5.49 1.53 19.64
C LEU A 109 -6.33 0.39 20.22
N LYS A 110 -5.86 -0.28 21.26
CA LYS A 110 -6.63 -1.33 21.93
C LYS A 110 -6.98 -2.45 20.95
N ILE A 111 -5.98 -2.84 20.18
CA ILE A 111 -6.05 -4.02 19.31
C ILE A 111 -5.27 -5.12 20.01
N PRO A 112 -5.84 -6.30 20.25
CA PRO A 112 -5.07 -7.36 20.89
C PRO A 112 -3.81 -7.67 20.12
N LYS A 113 -2.72 -7.91 20.85
CA LYS A 113 -1.44 -8.12 20.18
C LYS A 113 -1.51 -9.32 19.24
N ASN A 114 -2.26 -10.35 19.62
CA ASN A 114 -2.37 -11.54 18.78
C ASN A 114 -3.10 -11.30 17.47
N ARG A 115 -3.65 -10.10 17.26
CA ARG A 115 -4.25 -9.73 15.98
C ARG A 115 -3.53 -8.54 15.36
N CYS A 116 -2.28 -8.30 15.77
CA CYS A 116 -1.40 -7.34 15.14
C CYS A 116 -0.31 -8.07 14.37
N TYR A 117 -0.06 -7.62 13.14
CA TYR A 117 0.96 -8.19 12.26
C TYR A 117 1.77 -7.03 11.70
N ILE A 118 3.09 -7.15 11.76
CA ILE A 118 3.98 -6.09 11.29
C ILE A 118 5.05 -6.71 10.40
N GLU A 119 5.22 -6.15 9.21
CA GLU A 119 6.35 -6.47 8.35
C GLU A 119 7.32 -5.30 8.29
N PHE A 120 8.60 -5.59 8.52
CA PHE A 120 9.68 -4.65 8.31
C PHE A 120 10.28 -4.91 6.95
N VAL A 121 10.19 -3.93 6.06
CA VAL A 121 10.63 -4.05 4.66
C VAL A 121 11.77 -3.06 4.47
N ASN A 122 12.92 -3.59 4.06
CA ASN A 122 14.11 -2.77 3.77
C ASN A 122 14.38 -2.90 2.27
N ILE A 123 14.13 -1.81 1.55
CA ILE A 123 14.18 -1.78 0.10
C ILE A 123 15.60 -1.42 -0.34
N ASP A 124 16.04 -2.05 -1.42
CA ASP A 124 17.32 -1.73 -2.04
C ASP A 124 18.46 -1.80 -1.03
N ALA A 125 18.50 -2.88 -0.25
CA ALA A 125 19.47 -3.03 0.82
C ALA A 125 20.16 -4.38 0.79
N SER A 126 20.26 -4.99 -0.38
CA SER A 126 20.84 -6.33 -0.45
C SER A 126 22.35 -6.33 -0.34
N THR A 127 23.02 -5.28 -0.82
CA THR A 127 24.45 -5.30 -1.06
C THR A 127 25.14 -4.18 -0.28
N MET A 128 26.19 -4.56 0.43
CA MET A 128 27.08 -3.63 1.11
C MET A 128 28.48 -3.81 0.52
N ALA A 129 29.09 -2.71 0.12
CA ALA A 129 30.38 -2.74 -0.56
C ALA A 129 31.46 -2.12 0.31
N PHE A 130 32.64 -2.76 0.33
CA PHE A 130 33.77 -2.27 1.09
C PHE A 130 35.01 -2.30 0.21
N ASN A 131 35.80 -1.23 0.26
CA ASN A 131 37.13 -1.20 -0.31
C ASN A 131 38.14 -1.27 0.82
N GLY A 132 39.22 -2.02 0.60
CA GLY A 132 40.23 -2.18 1.62
C GLY A 132 40.72 -0.86 2.17
N SER A 133 40.70 0.19 1.33
CA SER A 133 41.05 1.52 1.79
C SER A 133 40.21 1.91 3.00
N THR A 134 38.90 1.65 2.95
CA THR A 134 38.01 1.98 4.05
C THR A 134 38.37 1.20 5.31
N SER B 21 4.84 -15.67 8.89
CA SER B 21 4.44 -14.82 7.72
C SER B 21 2.94 -14.94 7.46
N MET B 22 2.34 -13.85 6.97
CA MET B 22 0.93 -13.82 6.65
C MET B 22 0.72 -13.35 5.21
N PRO B 23 0.28 -14.22 4.30
CA PRO B 23 -0.14 -13.75 2.97
C PRO B 23 -1.27 -12.74 3.09
N ALA B 24 -1.26 -11.72 2.23
CA ALA B 24 -2.21 -10.62 2.32
C ALA B 24 -2.77 -10.26 0.95
N PHE B 25 -4.10 -10.24 0.85
CA PHE B 25 -4.80 -9.85 -0.37
C PHE B 25 -5.41 -8.48 -0.11
N THR B 26 -4.91 -7.48 -0.85
CA THR B 26 -5.35 -6.09 -0.73
C THR B 26 -6.15 -5.73 -1.98
N ILE B 27 -7.33 -5.17 -1.77
CA ILE B 27 -8.21 -4.73 -2.84
C ILE B 27 -8.42 -3.23 -2.68
N ASN B 28 -8.02 -2.44 -3.66
CA ASN B 28 -8.31 -1.01 -3.68
C ASN B 28 -9.42 -0.79 -4.71
N THR B 29 -10.51 -0.17 -4.28
CA THR B 29 -11.65 -0.03 -5.18
C THR B 29 -12.38 1.28 -4.92
N ASN B 30 -13.05 1.77 -5.96
CA ASN B 30 -13.88 2.96 -5.83
C ASN B 30 -15.34 2.63 -5.57
N ILE B 31 -15.72 1.37 -5.49
CA ILE B 31 -17.07 1.08 -4.99
C ILE B 31 -17.14 1.38 -3.49
N PRO B 32 -18.24 1.90 -2.98
CA PRO B 32 -18.33 2.20 -1.54
C PRO B 32 -18.17 0.96 -0.66
N GLN B 33 -17.58 1.17 0.50
CA GLN B 33 -17.35 0.05 1.42
C GLN B 33 -18.66 -0.55 1.93
N SER B 34 -19.78 0.18 1.84
CA SER B 34 -21.06 -0.37 2.22
C SER B 34 -21.50 -1.52 1.32
N ASN B 35 -20.87 -1.67 0.16
CA ASN B 35 -21.12 -2.80 -0.73
C ASN B 35 -20.13 -3.94 -0.54
N VAL B 36 -19.28 -3.87 0.48
CA VAL B 36 -18.30 -4.90 0.78
C VAL B 36 -18.85 -5.65 1.99
N SER B 37 -19.46 -6.81 1.75
CA SER B 37 -20.13 -7.54 2.81
C SER B 37 -19.14 -8.42 3.58
N ASP B 38 -19.55 -8.80 4.80
CA ASP B 38 -18.81 -9.79 5.56
C ASP B 38 -18.79 -11.13 4.83
N ALA B 39 -19.87 -11.47 4.13
CA ALA B 39 -19.87 -12.69 3.34
C ALA B 39 -18.78 -12.65 2.29
N PHE B 40 -18.66 -11.53 1.58
CA PHE B 40 -17.59 -11.42 0.60
C PHE B 40 -16.22 -11.53 1.25
N LEU B 41 -16.03 -10.87 2.39
CA LEU B 41 -14.73 -10.92 3.06
C LEU B 41 -14.36 -12.35 3.45
N LYS B 42 -15.30 -13.07 4.06
CA LYS B 42 -15.04 -14.44 4.47
C LYS B 42 -14.78 -15.34 3.26
N LYS B 43 -15.55 -15.17 2.18
CA LYS B 43 -15.32 -15.98 0.99
C LYS B 43 -13.97 -15.67 0.35
N ALA B 44 -13.56 -14.40 0.36
CA ALA B 44 -12.26 -14.03 -0.18
C ALA B 44 -11.15 -14.63 0.69
N SER B 45 -11.34 -14.61 2.01
CA SER B 45 -10.39 -15.23 2.92
C SER B 45 -10.21 -16.70 2.60
N SER B 46 -11.32 -17.43 2.43
CA SER B 46 -11.24 -18.85 2.10
C SER B 46 -10.58 -19.07 0.75
N THR B 47 -10.95 -18.28 -0.25
CA THR B 47 -10.38 -18.45 -1.58
C THR B 47 -8.87 -18.28 -1.53
N VAL B 48 -8.39 -17.25 -0.83
CA VAL B 48 -6.95 -17.03 -0.75
C VAL B 48 -6.28 -18.18 -0.01
N ALA B 49 -6.88 -18.63 1.10
CA ALA B 49 -6.27 -19.72 1.86
C ALA B 49 -6.14 -20.97 1.00
N LYS B 50 -7.17 -21.31 0.22
CA LYS B 50 -7.09 -22.52 -0.59
C LYS B 50 -6.11 -22.34 -1.74
N ALA B 51 -6.10 -21.16 -2.37
CA ALA B 51 -5.20 -20.92 -3.50
C ALA B 51 -3.74 -21.02 -3.08
N LEU B 52 -3.39 -20.38 -1.97
CA LEU B 52 -2.00 -20.41 -1.53
C LEU B 52 -1.65 -21.67 -0.74
N GLY B 53 -2.63 -22.53 -0.47
CA GLY B 53 -2.37 -23.71 0.32
C GLY B 53 -1.81 -23.43 1.70
N LYS B 54 -2.33 -22.42 2.38
CA LYS B 54 -1.89 -22.06 3.71
C LYS B 54 -3.11 -21.95 4.62
N PRO B 55 -2.93 -22.13 5.92
CA PRO B 55 -4.09 -22.08 6.83
C PRO B 55 -4.73 -20.71 6.80
N GLU B 56 -6.06 -20.70 6.95
CA GLU B 56 -6.78 -19.44 6.96
C GLU B 56 -6.37 -18.58 8.15
N SER B 57 -5.83 -19.20 9.21
CA SER B 57 -5.41 -18.45 10.38
C SER B 57 -4.25 -17.51 10.09
N TYR B 58 -3.54 -17.72 8.99
CA TYR B 58 -2.43 -16.85 8.60
C TYR B 58 -2.77 -15.92 7.44
N VAL B 59 -4.02 -15.93 6.97
CA VAL B 59 -4.41 -15.19 5.77
C VAL B 59 -5.04 -13.86 6.21
N ALA B 60 -4.70 -12.80 5.50
CA ALA B 60 -5.27 -11.48 5.73
C ALA B 60 -5.91 -10.94 4.46
N ILE B 61 -7.10 -10.36 4.63
CA ILE B 61 -7.85 -9.71 3.56
C ILE B 61 -8.03 -8.26 3.97
N HIS B 62 -7.75 -7.33 3.05
CA HIS B 62 -7.87 -5.90 3.30
C HIS B 62 -8.54 -5.25 2.10
N VAL B 63 -9.78 -4.81 2.27
CA VAL B 63 -10.53 -4.10 1.22
C VAL B 63 -10.58 -2.62 1.58
N ASN B 64 -9.93 -1.80 0.74
CA ASN B 64 -9.87 -0.34 0.87
C ASN B 64 -10.82 0.22 -0.17
N GLY B 65 -12.07 0.43 0.25
CA GLY B 65 -13.11 0.90 -0.63
C GLY B 65 -13.39 2.39 -0.53
N GLY B 66 -14.34 2.83 -1.34
CA GLY B 66 -14.67 4.24 -1.40
C GLY B 66 -13.54 5.11 -1.88
N GLN B 67 -12.59 4.54 -2.61
CA GLN B 67 -11.43 5.32 -3.04
C GLN B 67 -11.76 6.09 -4.32
N ALA B 68 -11.04 7.18 -4.52
CA ALA B 68 -11.12 7.98 -5.73
C ALA B 68 -10.12 7.40 -6.72
N MET B 69 -10.61 6.75 -7.77
CA MET B 69 -9.75 5.99 -8.65
C MET B 69 -10.03 6.28 -10.12
N VAL B 70 -8.97 6.17 -10.92
CA VAL B 70 -9.06 6.15 -12.38
C VAL B 70 -8.43 4.85 -12.85
N PHE B 71 -9.10 4.17 -13.77
CA PHE B 71 -8.64 2.89 -14.30
C PHE B 71 -8.74 2.98 -15.82
N GLY B 72 -7.59 3.03 -16.49
CA GLY B 72 -7.59 3.14 -17.94
C GLY B 72 -8.29 4.38 -18.46
N GLY B 73 -8.23 5.48 -17.72
CA GLY B 73 -8.83 6.73 -18.14
C GLY B 73 -10.27 6.93 -17.72
N SER B 74 -10.88 5.95 -17.08
CA SER B 74 -12.28 6.00 -16.68
C SER B 74 -12.40 5.87 -15.18
N THR B 75 -13.37 6.59 -14.60
CA THR B 75 -13.64 6.50 -13.17
C THR B 75 -14.75 5.50 -12.84
N ASP B 76 -15.22 4.72 -13.82
CA ASP B 76 -16.22 3.71 -13.57
C ASP B 76 -15.70 2.67 -12.57
N PRO B 77 -16.60 1.93 -11.94
CA PRO B 77 -16.17 0.95 -10.93
C PRO B 77 -15.03 0.06 -11.40
N CYS B 78 -14.05 -0.12 -10.52
CA CYS B 78 -12.83 -0.87 -10.86
C CYS B 78 -12.21 -1.37 -9.57
N ALA B 79 -11.24 -2.27 -9.72
CA ALA B 79 -10.50 -2.79 -8.57
C ALA B 79 -9.05 -3.06 -8.97
N VAL B 80 -8.12 -2.57 -8.15
CA VAL B 80 -6.69 -2.80 -8.31
C VAL B 80 -6.19 -3.48 -7.06
N CYS B 81 -5.65 -4.69 -7.20
CA CYS B 81 -5.40 -5.57 -6.08
C CYS B 81 -3.99 -6.12 -6.12
N VAL B 82 -3.52 -6.54 -4.93
CA VAL B 82 -2.24 -7.21 -4.78
C VAL B 82 -2.43 -8.40 -3.85
N LEU B 83 -2.00 -9.58 -4.29
CA LEU B 83 -1.88 -10.76 -3.43
C LEU B 83 -0.39 -10.94 -3.12
N LYS B 84 0.00 -10.63 -1.89
CA LYS B 84 1.40 -10.65 -1.48
C LYS B 84 1.66 -11.85 -0.60
N SER B 85 2.74 -12.58 -0.90
CA SER B 85 3.18 -13.69 -0.08
C SER B 85 4.70 -13.63 0.02
N ILE B 86 5.21 -14.14 1.13
CA ILE B 86 6.64 -14.17 1.41
C ILE B 86 7.12 -15.60 1.22
N GLY B 87 8.02 -15.81 0.27
CA GLY B 87 8.52 -17.13 -0.03
C GLY B 87 7.66 -17.90 -1.00
N VAL B 93 0.46 -22.03 -11.30
CA VAL B 93 -0.22 -22.12 -10.01
C VAL B 93 -1.20 -20.95 -9.86
N ASN B 94 -0.71 -19.74 -10.09
CA ASN B 94 -1.51 -18.54 -9.93
C ASN B 94 -2.46 -18.29 -11.09
N ASN B 95 -2.39 -19.08 -12.16
CA ASN B 95 -3.30 -18.87 -13.29
C ASN B 95 -4.70 -19.35 -12.97
N SER B 96 -4.84 -20.55 -12.41
CA SER B 96 -6.16 -21.06 -12.07
C SER B 96 -6.79 -20.27 -10.92
N HIS B 97 -6.00 -19.96 -9.89
CA HIS B 97 -6.53 -19.22 -8.76
C HIS B 97 -6.81 -17.76 -9.13
N SER B 98 -6.07 -17.22 -10.10
CA SER B 98 -6.34 -15.86 -10.55
C SER B 98 -7.76 -15.74 -11.09
N GLU B 99 -8.21 -16.71 -11.90
CA GLU B 99 -9.56 -16.66 -12.44
C GLU B 99 -10.59 -16.78 -11.33
N LYS B 100 -10.30 -17.57 -10.29
CA LYS B 100 -11.21 -17.65 -9.16
C LYS B 100 -11.32 -16.30 -8.45
N LEU B 101 -10.20 -15.61 -8.27
CA LEU B 101 -10.24 -14.30 -7.62
C LEU B 101 -10.95 -13.27 -8.50
N PHE B 102 -10.71 -13.33 -9.82
CA PHE B 102 -11.40 -12.42 -10.73
C PHE B 102 -12.91 -12.67 -10.71
N LYS B 103 -13.32 -13.93 -10.74
CA LYS B 103 -14.75 -14.23 -10.66
C LYS B 103 -15.32 -13.75 -9.34
N LEU B 104 -14.58 -13.92 -8.24
CA LEU B 104 -15.04 -13.43 -6.95
C LEU B 104 -15.26 -11.93 -6.98
N LEU B 105 -14.28 -11.18 -7.47
CA LEU B 105 -14.42 -9.74 -7.57
C LEU B 105 -15.63 -9.36 -8.43
N ALA B 106 -15.73 -9.96 -9.62
CA ALA B 106 -16.77 -9.57 -10.55
C ALA B 106 -18.16 -9.90 -10.02
N ASP B 107 -18.33 -11.11 -9.47
CA ASP B 107 -19.66 -11.54 -9.05
C ASP B 107 -20.07 -10.92 -7.72
N GLU B 108 -19.14 -10.84 -6.76
CA GLU B 108 -19.53 -10.37 -5.43
C GLU B 108 -19.51 -8.85 -5.32
N LEU B 109 -18.49 -8.19 -5.85
CA LEU B 109 -18.43 -6.75 -5.79
C LEU B 109 -19.05 -6.09 -7.01
N LYS B 110 -19.44 -6.87 -8.01
CA LYS B 110 -20.14 -6.34 -9.19
C LYS B 110 -19.23 -5.36 -9.95
N ILE B 111 -17.97 -5.73 -10.09
CA ILE B 111 -16.98 -4.99 -10.88
C ILE B 111 -16.74 -5.76 -12.17
N PRO B 112 -16.86 -5.13 -13.33
CA PRO B 112 -16.55 -5.85 -14.58
C PRO B 112 -15.15 -6.41 -14.56
N LYS B 113 -15.00 -7.64 -15.09
CA LYS B 113 -13.69 -8.29 -15.02
C LYS B 113 -12.64 -7.49 -15.76
N ASN B 114 -13.01 -6.85 -16.88
CA ASN B 114 -12.04 -6.05 -17.62
C ASN B 114 -11.60 -4.82 -16.88
N ARG B 115 -12.17 -4.53 -15.70
CA ARG B 115 -11.72 -3.44 -14.85
C ARG B 115 -11.24 -3.95 -13.50
N CYS B 116 -10.89 -5.22 -13.41
CA CYS B 116 -10.20 -5.80 -12.27
C CYS B 116 -8.76 -6.10 -12.68
N TYR B 117 -7.80 -5.71 -11.84
CA TYR B 117 -6.38 -5.92 -12.08
C TYR B 117 -5.79 -6.49 -10.80
N ILE B 118 -5.01 -7.56 -10.93
CA ILE B 118 -4.43 -8.22 -9.78
C ILE B 118 -2.95 -8.47 -10.05
N GLU B 119 -2.10 -8.05 -9.10
CA GLU B 119 -0.69 -8.41 -9.12
C GLU B 119 -0.43 -9.47 -8.04
N PHE B 120 0.17 -10.59 -8.45
CA PHE B 120 0.63 -11.60 -7.51
C PHE B 120 2.11 -11.34 -7.24
N VAL B 121 2.43 -11.01 -6.00
CA VAL B 121 3.76 -10.58 -5.61
C VAL B 121 4.32 -11.62 -4.63
N ASN B 122 5.47 -12.19 -4.97
CA ASN B 122 6.18 -13.14 -4.12
C ASN B 122 7.47 -12.44 -3.69
N ILE B 123 7.56 -12.15 -2.40
CA ILE B 123 8.66 -11.39 -1.82
C ILE B 123 9.74 -12.36 -1.37
N ASP B 124 11.00 -11.95 -1.56
CA ASP B 124 12.14 -12.71 -1.04
C ASP B 124 12.09 -14.16 -1.49
N ALA B 125 11.82 -14.36 -2.79
CA ALA B 125 11.65 -15.70 -3.32
C ALA B 125 12.46 -15.92 -4.58
N SER B 126 13.57 -15.20 -4.74
CA SER B 126 14.30 -15.31 -5.99
C SER B 126 15.12 -16.59 -6.09
N THR B 127 15.60 -17.11 -4.95
CA THR B 127 16.62 -18.15 -4.96
C THR B 127 16.17 -19.35 -4.11
N MET B 128 16.28 -20.53 -4.70
CA MET B 128 16.12 -21.80 -4.00
C MET B 128 17.42 -22.59 -4.13
N ALA B 129 17.96 -23.06 -3.00
CA ALA B 129 19.23 -23.77 -2.97
C ALA B 129 19.00 -25.22 -2.56
N PHE B 130 19.69 -26.13 -3.24
CA PHE B 130 19.58 -27.55 -2.95
C PHE B 130 20.95 -28.22 -2.90
N ASN B 131 21.05 -29.20 -2.01
CA ASN B 131 22.15 -30.14 -1.98
C ASN B 131 21.67 -31.47 -2.54
N GLY B 132 22.52 -32.12 -3.34
CA GLY B 132 22.10 -33.34 -4.04
C GLY B 132 21.49 -34.39 -3.14
N SER B 133 21.85 -34.39 -1.85
CA SER B 133 21.30 -35.36 -0.91
C SER B 133 19.77 -35.36 -0.94
N SER C 21 0.47 -5.41 -17.75
CA SER C 21 0.90 -4.68 -16.51
C SER C 21 0.32 -3.27 -16.53
N MET C 22 -0.01 -2.74 -15.37
CA MET C 22 -0.57 -1.39 -15.26
C MET C 22 0.24 -0.55 -14.29
N PRO C 23 0.96 0.47 -14.78
CA PRO C 23 1.57 1.44 -13.84
C PRO C 23 0.50 2.07 -12.97
N ALA C 24 0.83 2.30 -11.70
CA ALA C 24 -0.15 2.77 -10.73
C ALA C 24 0.43 3.91 -9.91
N PHE C 25 -0.32 5.01 -9.84
CA PHE C 25 0.05 6.17 -9.03
C PHE C 25 -0.90 6.20 -7.84
N THR C 26 -0.34 5.99 -6.64
CA THR C 26 -1.09 6.00 -5.39
C THR C 26 -0.73 7.24 -4.61
N ILE C 27 -1.75 7.98 -4.19
CA ILE C 27 -1.61 9.19 -3.40
C ILE C 27 -2.30 8.94 -2.07
N ASN C 28 -1.55 9.01 -0.97
CA ASN C 28 -2.10 8.96 0.37
C ASN C 28 -2.02 10.37 0.95
N THR C 29 -3.15 10.92 1.37
CA THR C 29 -3.16 12.29 1.83
C THR C 29 -4.19 12.47 2.93
N ASN C 30 -3.94 13.44 3.79
CA ASN C 30 -4.86 13.86 4.84
C ASN C 30 -5.74 15.02 4.39
N ILE C 31 -5.65 15.41 3.12
CA ILE C 31 -6.63 16.36 2.57
C ILE C 31 -8.00 15.67 2.60
N PRO C 32 -9.09 16.36 2.94
CA PRO C 32 -10.38 15.69 2.87
C PRO C 32 -10.62 15.18 1.46
N GLN C 33 -11.22 13.99 1.36
CA GLN C 33 -11.40 13.44 0.02
C GLN C 33 -12.35 14.26 -0.83
N SER C 34 -13.19 15.11 -0.22
CA SER C 34 -14.07 15.96 -1.01
C SER C 34 -13.30 16.95 -1.86
N ASN C 35 -12.02 17.17 -1.56
CA ASN C 35 -11.19 18.09 -2.33
C ASN C 35 -10.51 17.41 -3.50
N VAL C 36 -10.82 16.14 -3.76
CA VAL C 36 -10.24 15.38 -4.85
C VAL C 36 -11.31 15.22 -5.93
N SER C 37 -11.22 16.01 -6.99
CA SER C 37 -12.21 16.01 -8.05
C SER C 37 -11.92 14.93 -9.09
N ASP C 38 -12.95 14.57 -9.86
CA ASP C 38 -12.73 13.71 -11.02
C ASP C 38 -11.83 14.40 -12.05
N ALA C 39 -11.95 15.72 -12.17
CA ALA C 39 -11.08 16.46 -13.08
C ALA C 39 -9.62 16.27 -12.68
N PHE C 40 -9.33 16.35 -11.37
CA PHE C 40 -7.98 16.09 -10.91
C PHE C 40 -7.56 14.66 -11.23
N LEU C 41 -8.45 13.70 -11.03
CA LEU C 41 -8.12 12.30 -11.31
C LEU C 41 -7.75 12.09 -12.76
N LYS C 42 -8.54 12.65 -13.69
CA LYS C 42 -8.21 12.53 -15.10
C LYS C 42 -6.90 13.24 -15.44
N LYS C 43 -6.67 14.42 -14.86
CA LYS C 43 -5.43 15.12 -15.13
C LYS C 43 -4.25 14.30 -14.64
N ALA C 44 -4.39 13.63 -13.50
CA ALA C 44 -3.33 12.79 -12.97
C ALA C 44 -3.10 11.58 -13.86
N SER C 45 -4.18 10.96 -14.34
CA SER C 45 -4.04 9.83 -15.26
C SER C 45 -3.27 10.23 -16.51
N SER C 46 -3.65 11.35 -17.13
CA SER C 46 -2.95 11.80 -18.33
C SER C 46 -1.49 12.12 -18.02
N THR C 47 -1.24 12.80 -16.90
CA THR C 47 0.13 13.16 -16.54
C THR C 47 0.99 11.90 -16.39
N VAL C 48 0.46 10.90 -15.69
CA VAL C 48 1.21 9.67 -15.47
C VAL C 48 1.42 8.93 -16.78
N ALA C 49 0.39 8.84 -17.62
CA ALA C 49 0.55 8.15 -18.90
C ALA C 49 1.63 8.81 -19.75
N LYS C 50 1.65 10.14 -19.76
CA LYS C 50 2.64 10.86 -20.55
C LYS C 50 4.03 10.75 -19.95
N ALA C 51 4.12 10.77 -18.62
CA ALA C 51 5.42 10.65 -17.97
C ALA C 51 6.09 9.32 -18.29
N LEU C 52 5.32 8.23 -18.20
CA LEU C 52 5.83 6.89 -18.47
C LEU C 52 5.84 6.53 -19.95
N GLY C 53 5.33 7.41 -20.82
CA GLY C 53 5.24 7.07 -22.23
C GLY C 53 4.42 5.83 -22.50
N LYS C 54 3.31 5.67 -21.80
CA LYS C 54 2.44 4.51 -21.94
C LYS C 54 1.00 4.95 -22.15
N PRO C 55 0.19 4.11 -22.78
CA PRO C 55 -1.21 4.50 -23.04
C PRO C 55 -1.98 4.67 -21.74
N GLU C 56 -2.92 5.62 -21.77
CA GLU C 56 -3.75 5.85 -20.59
C GLU C 56 -4.61 4.64 -20.27
N SER C 57 -4.90 3.80 -21.26
CA SER C 57 -5.72 2.61 -21.02
C SER C 57 -5.05 1.64 -20.07
N TYR C 58 -3.75 1.79 -19.83
CA TYR C 58 -3.01 0.91 -18.94
C TYR C 58 -2.67 1.55 -17.60
N VAL C 59 -3.11 2.77 -17.35
CA VAL C 59 -2.70 3.50 -16.16
C VAL C 59 -3.82 3.43 -15.11
N ALA C 60 -3.42 3.27 -13.84
CA ALA C 60 -4.35 3.29 -12.72
C ALA C 60 -3.94 4.37 -11.75
N ILE C 61 -4.92 5.13 -11.28
CA ILE C 61 -4.73 6.19 -10.29
C ILE C 61 -5.58 5.84 -9.08
N HIS C 62 -5.02 5.97 -7.88
CA HIS C 62 -5.73 5.69 -6.64
C HIS C 62 -5.42 6.80 -5.64
N VAL C 63 -6.40 7.64 -5.35
CA VAL C 63 -6.25 8.69 -4.33
C VAL C 63 -7.00 8.28 -3.08
N ASN C 64 -6.22 8.11 -2.00
CA ASN C 64 -6.69 7.74 -0.67
C ASN C 64 -6.61 9.00 0.19
N GLY C 65 -7.70 9.77 0.23
CA GLY C 65 -7.73 11.00 0.97
C GLY C 65 -8.38 10.87 2.34
N GLY C 66 -8.38 11.97 3.08
CA GLY C 66 -8.91 11.95 4.42
C GLY C 66 -8.19 11.02 5.37
N GLN C 67 -6.94 10.71 5.10
CA GLN C 67 -6.20 9.78 5.94
C GLN C 67 -5.58 10.48 7.14
N ALA C 68 -5.35 9.69 8.20
CA ALA C 68 -4.68 10.16 9.40
C ALA C 68 -3.18 9.93 9.21
N MET C 69 -2.46 11.02 8.98
CA MET C 69 -1.05 10.95 8.59
C MET C 69 -0.23 11.90 9.43
N VAL C 70 1.04 11.52 9.65
CA VAL C 70 2.06 12.40 10.17
C VAL C 70 3.20 12.41 9.17
N PHE C 71 3.72 13.59 8.84
CA PHE C 71 4.79 13.76 7.86
C PHE C 71 5.84 14.64 8.51
N GLY C 72 6.99 14.07 8.82
CA GLY C 72 8.05 14.81 9.48
C GLY C 72 7.67 15.36 10.83
N GLY C 73 6.83 14.65 11.58
CA GLY C 73 6.43 15.07 12.90
C GLY C 73 5.21 15.96 12.95
N SER C 74 4.65 16.36 11.81
CA SER C 74 3.50 17.23 11.75
C SER C 74 2.36 16.56 11.02
N THR C 75 1.13 16.81 11.46
CA THR C 75 -0.04 16.32 10.77
C THR C 75 -0.58 17.34 9.76
N ASP C 76 0.18 18.39 9.49
CA ASP C 76 -0.25 19.38 8.50
C ASP C 76 -0.44 18.69 7.15
N PRO C 77 -1.19 19.31 6.24
CA PRO C 77 -1.46 18.70 4.94
C PRO C 77 -0.21 18.16 4.27
N CYS C 78 -0.32 16.96 3.73
CA CYS C 78 0.81 16.28 3.13
C CYS C 78 0.30 15.25 2.14
N ALA C 79 1.21 14.71 1.34
CA ALA C 79 0.91 13.63 0.42
C ALA C 79 2.12 12.70 0.37
N VAL C 80 1.86 11.41 0.56
CA VAL C 80 2.88 10.38 0.45
C VAL C 80 2.43 9.44 -0.67
N CYS C 81 3.23 9.35 -1.72
CA CYS C 81 2.79 8.74 -2.95
C CYS C 81 3.81 7.73 -3.45
N VAL C 82 3.32 6.81 -4.26
CA VAL C 82 4.19 5.86 -4.95
C VAL C 82 3.70 5.75 -6.39
N LEU C 83 4.62 5.91 -7.33
CA LEU C 83 4.40 5.58 -8.73
C LEU C 83 5.08 4.25 -9.01
N LYS C 84 4.30 3.18 -9.14
CA LYS C 84 4.82 1.84 -9.30
C LYS C 84 4.69 1.41 -10.75
N SER C 85 5.78 0.90 -11.32
CA SER C 85 5.77 0.35 -12.66
C SER C 85 6.61 -0.92 -12.68
N ILE C 86 6.34 -1.77 -13.65
CA ILE C 86 7.08 -3.02 -13.86
C ILE C 86 7.98 -2.80 -15.07
N GLY C 87 9.30 -2.86 -14.84
CA GLY C 87 10.26 -2.63 -15.89
C GLY C 87 10.61 -1.17 -16.14
N ASN C 95 11.10 11.84 -16.28
CA ASN C 95 11.78 12.95 -15.61
C ASN C 95 11.01 14.25 -15.76
N SER C 96 10.83 14.68 -17.01
CA SER C 96 10.11 15.93 -17.28
C SER C 96 8.76 15.94 -16.60
N HIS C 97 7.93 14.93 -16.86
CA HIS C 97 6.58 14.88 -16.29
C HIS C 97 6.59 14.50 -14.81
N SER C 98 7.73 14.08 -14.25
CA SER C 98 7.77 13.77 -12.81
C SER C 98 7.68 15.04 -11.97
N GLU C 99 8.43 16.06 -12.35
CA GLU C 99 8.30 17.36 -11.66
C GLU C 99 6.88 17.87 -11.85
N LYS C 100 6.28 17.57 -13.01
CA LYS C 100 4.87 17.89 -13.22
C LYS C 100 3.98 17.16 -12.22
N LEU C 101 4.32 15.91 -11.88
CA LEU C 101 3.52 15.22 -10.87
C LEU C 101 3.58 15.95 -9.53
N PHE C 102 4.77 16.45 -9.19
CA PHE C 102 4.89 17.22 -7.95
C PHE C 102 4.02 18.48 -8.00
N LYS C 103 4.09 19.22 -9.11
CA LYS C 103 3.29 20.44 -9.21
C LYS C 103 1.79 20.12 -9.20
N LEU C 104 1.41 19.02 -9.84
CA LEU C 104 0.02 18.56 -9.80
C LEU C 104 -0.45 18.40 -8.38
N LEU C 105 0.31 17.66 -7.58
CA LEU C 105 -0.08 17.48 -6.18
C LEU C 105 -0.20 18.82 -5.46
N ALA C 106 0.84 19.65 -5.56
CA ALA C 106 0.86 20.88 -4.78
C ALA C 106 -0.27 21.81 -5.15
N ASP C 107 -0.52 21.99 -6.45
CA ASP C 107 -1.49 22.96 -6.93
C ASP C 107 -2.92 22.46 -6.83
N GLU C 108 -3.15 21.18 -7.14
CA GLU C 108 -4.51 20.66 -7.18
C GLU C 108 -5.02 20.35 -5.78
N LEU C 109 -4.16 19.75 -4.96
CA LEU C 109 -4.48 19.41 -3.59
C LEU C 109 -4.11 20.49 -2.59
N LYS C 110 -3.40 21.53 -3.03
CA LYS C 110 -3.04 22.67 -2.17
C LYS C 110 -2.20 22.19 -0.98
N ILE C 111 -1.21 21.35 -1.28
CA ILE C 111 -0.23 20.85 -0.33
C ILE C 111 1.08 21.57 -0.57
N PRO C 112 1.74 22.10 0.46
CA PRO C 112 3.07 22.69 0.25
C PRO C 112 3.97 21.66 -0.43
N LYS C 113 4.77 22.11 -1.39
CA LYS C 113 5.57 21.17 -2.18
C LYS C 113 6.54 20.38 -1.29
N ASN C 114 7.08 21.01 -0.25
CA ASN C 114 7.98 20.31 0.63
C ASN C 114 7.28 19.24 1.48
N ARG C 115 5.95 19.10 1.37
CA ARG C 115 5.22 18.03 2.03
C ARG C 115 4.54 17.11 1.04
N CYS C 116 4.98 17.14 -0.21
CA CYS C 116 4.62 16.14 -1.22
C CYS C 116 5.83 15.23 -1.37
N TYR C 117 5.62 13.94 -1.25
CA TYR C 117 6.69 12.95 -1.30
C TYR C 117 6.25 11.86 -2.26
N ILE C 118 7.11 11.50 -3.19
CA ILE C 118 6.80 10.48 -4.16
C ILE C 118 7.97 9.51 -4.24
N GLU C 119 7.67 8.22 -4.13
CA GLU C 119 8.64 7.18 -4.40
C GLU C 119 8.32 6.60 -5.77
N PHE C 120 9.30 6.62 -6.65
CA PHE C 120 9.19 5.99 -7.96
C PHE C 120 9.79 4.59 -7.84
N VAL C 121 8.96 3.58 -8.03
CA VAL C 121 9.35 2.19 -7.81
C VAL C 121 9.28 1.47 -9.14
N ASN C 122 10.38 0.85 -9.53
CA ASN C 122 10.45 0.01 -10.72
C ASN C 122 10.67 -1.43 -10.24
N ILE C 123 9.67 -2.28 -10.43
CA ILE C 123 9.68 -3.65 -9.94
C ILE C 123 10.25 -4.54 -11.04
N ASP C 124 11.04 -5.54 -10.66
CA ASP C 124 11.52 -6.53 -11.61
C ASP C 124 12.22 -5.87 -12.79
N ALA C 125 13.09 -4.89 -12.48
CA ALA C 125 13.75 -4.11 -13.52
C ALA C 125 15.25 -4.04 -13.31
N SER C 126 15.83 -5.02 -12.61
CA SER C 126 17.24 -4.94 -12.28
C SER C 126 18.12 -5.25 -13.48
N THR C 127 17.66 -6.08 -14.41
CA THR C 127 18.54 -6.65 -15.42
C THR C 127 18.00 -6.39 -16.82
N MET C 128 18.89 -5.92 -17.70
CA MET C 128 18.62 -5.81 -19.12
C MET C 128 19.67 -6.64 -19.86
N ALA C 129 19.23 -7.52 -20.75
CA ALA C 129 20.10 -8.44 -21.47
C ALA C 129 20.08 -8.12 -22.96
N PHE C 130 21.26 -8.21 -23.58
CA PHE C 130 21.41 -7.98 -25.01
C PHE C 130 22.23 -9.11 -25.62
N ASN C 131 21.78 -9.59 -26.78
CA ASN C 131 22.52 -10.50 -27.65
C ASN C 131 22.91 -9.73 -28.91
N GLY C 132 24.07 -10.07 -29.46
CA GLY C 132 24.53 -9.39 -30.66
C GLY C 132 23.46 -9.31 -31.73
#